data_4QH7
#
_entry.id   4QH7
#
_cell.length_a   51.453
_cell.length_b   77.913
_cell.length_c   108.891
_cell.angle_alpha   90.00
_cell.angle_beta   90.00
_cell.angle_gamma   90.00
#
_symmetry.space_group_name_H-M   'P 21 21 21'
#
loop_
_entity.id
_entity.type
_entity.pdbx_description
1 polymer 'Dynein light chain 1, cytoplasmic'
2 polymer 'Anastral spindle 2'
3 water water
#
loop_
_entity_poly.entity_id
_entity_poly.type
_entity_poly.pdbx_seq_one_letter_code
_entity_poly.pdbx_strand_id
1 'polypeptide(L)'
;GPLGSMSDRKAVIKNADMSEEMQQDAVDCATQALEKYNIEKDIAAYIKKEFDKKYNPTWHCIVGRNFGSYVTHETRHFIY
FYLGQVAILLFKSG
;
A,B,E,F
2 'polypeptide(L)' NYTICAGTQTDP C,D,G,H
#
# COMPACT_ATOMS: atom_id res chain seq x y z
N ALA A 11 1.37 32.17 -18.67
CA ALA A 11 0.60 31.12 -17.99
C ALA A 11 0.52 29.83 -18.81
N VAL A 12 1.12 28.77 -18.28
CA VAL A 12 1.14 27.49 -18.96
C VAL A 12 0.28 26.48 -18.22
N ILE A 13 -0.81 26.04 -18.85
CA ILE A 13 -1.66 25.02 -18.24
C ILE A 13 -1.03 23.66 -18.47
N LYS A 14 -0.73 22.93 -17.41
CA LYS A 14 -0.09 21.62 -17.51
C LYS A 14 -1.13 20.52 -17.50
N ASN A 15 -2.23 20.76 -16.79
CA ASN A 15 -3.29 19.76 -16.71
C ASN A 15 -4.55 20.46 -16.22
N ALA A 16 -5.69 20.09 -16.78
CA ALA A 16 -6.93 20.74 -16.38
C ALA A 16 -8.14 19.87 -16.64
N ASP A 17 -9.12 20.01 -15.76
CA ASP A 17 -10.46 19.51 -16.02
C ASP A 17 -11.37 20.62 -15.53
N MET A 18 -11.64 21.59 -16.40
CA MET A 18 -12.23 22.85 -15.98
C MET A 18 -12.70 23.63 -17.19
N SER A 19 -13.83 24.32 -17.07
CA SER A 19 -14.33 25.15 -18.16
C SER A 19 -13.33 26.23 -18.50
N GLU A 20 -13.31 26.65 -19.76
CA GLU A 20 -12.37 27.68 -20.19
C GLU A 20 -12.56 28.99 -19.43
N GLU A 21 -13.79 29.30 -19.04
CA GLU A 21 -14.06 30.54 -18.32
C GLU A 21 -13.52 30.47 -16.89
N MET A 22 -13.71 29.33 -16.26
CA MET A 22 -13.18 29.14 -14.90
C MET A 22 -11.65 29.04 -14.92
N GLN A 23 -11.08 28.46 -15.97
CA GLN A 23 -9.62 28.48 -16.11
C GLN A 23 -9.06 29.91 -16.14
N GLN A 24 -9.71 30.78 -16.91
CA GLN A 24 -9.23 32.15 -17.03
C GLN A 24 -9.33 32.86 -15.69
N ASP A 25 -10.39 32.55 -14.95
CA ASP A 25 -10.56 33.11 -13.60
C ASP A 25 -9.49 32.63 -12.63
N ALA A 26 -9.10 31.36 -12.71
CA ALA A 26 -8.00 30.83 -11.90
C ALA A 26 -6.69 31.58 -12.20
N VAL A 27 -6.40 31.76 -13.49
CA VAL A 27 -5.20 32.46 -13.91
C VAL A 27 -5.21 33.91 -13.43
N ASP A 28 -6.35 34.58 -13.59
CA ASP A 28 -6.46 35.98 -13.17
C ASP A 28 -6.30 36.12 -11.66
N CYS A 29 -6.94 35.22 -10.95
CA CYS A 29 -6.91 35.24 -9.50
C CYS A 29 -5.48 34.97 -9.01
N ALA A 30 -4.82 34.00 -9.64
CA ALA A 30 -3.44 33.70 -9.28
C ALA A 30 -2.53 34.89 -9.61
N THR A 31 -2.83 35.57 -10.71
CA THR A 31 -2.06 36.74 -11.12
C THR A 31 -2.16 37.84 -10.05
N GLN A 32 -3.38 38.09 -9.58
CA GLN A 32 -3.61 39.06 -8.51
C GLN A 32 -2.90 38.65 -7.23
N ALA A 33 -2.89 37.34 -6.96
CA ALA A 33 -2.28 36.84 -5.72
C ALA A 33 -0.77 37.04 -5.73
N LEU A 34 -0.16 36.82 -6.89
CA LEU A 34 1.28 36.97 -7.06
C LEU A 34 1.73 38.43 -7.00
N GLU A 35 0.90 39.33 -7.48
CA GLU A 35 1.20 40.76 -7.42
C GLU A 35 1.22 41.24 -5.98
N LYS A 36 0.35 40.66 -5.16
CA LYS A 36 0.19 41.12 -3.79
C LYS A 36 1.10 40.39 -2.80
N TYR A 37 1.22 39.09 -2.95
CA TYR A 37 1.87 38.26 -1.93
C TYR A 37 3.16 37.62 -2.41
N ASN A 38 4.13 37.58 -1.51
CA ASN A 38 5.44 37.00 -1.79
C ASN A 38 5.55 35.53 -1.34
N ILE A 39 4.84 35.16 -0.29
CA ILE A 39 4.96 33.83 0.31
C ILE A 39 3.92 32.85 -0.25
N GLU A 40 4.34 31.64 -0.66
CA GLU A 40 3.44 30.69 -1.32
C GLU A 40 2.15 30.42 -0.56
N LYS A 41 2.25 30.26 0.76
CA LYS A 41 1.07 29.97 1.59
C LYS A 41 0.02 31.08 1.49
N ASP A 42 0.48 32.34 1.42
CA ASP A 42 -0.42 33.48 1.34
C ASP A 42 -1.02 33.59 -0.06
N ILE A 43 -0.19 33.31 -1.06
CA ILE A 43 -0.64 33.27 -2.45
C ILE A 43 -1.73 32.21 -2.56
N ALA A 44 -1.47 31.03 -1.98
CA ALA A 44 -2.45 29.94 -2.01
C ALA A 44 -3.73 30.34 -1.30
N ALA A 45 -3.60 30.94 -0.12
CA ALA A 45 -4.77 31.38 0.65
C ALA A 45 -5.66 32.37 -0.11
N TYR A 46 -5.04 33.34 -0.80
CA TYR A 46 -5.81 34.30 -1.58
C TYR A 46 -6.65 33.61 -2.66
N ILE A 47 -6.03 32.70 -3.40
CA ILE A 47 -6.71 32.01 -4.48
C ILE A 47 -7.82 31.11 -3.94
N LYS A 48 -7.48 30.30 -2.94
CA LYS A 48 -8.45 29.41 -2.30
C LYS A 48 -9.67 30.18 -1.83
N LYS A 49 -9.44 31.29 -1.16
CA LYS A 49 -10.55 32.05 -0.59
C LYS A 49 -11.44 32.69 -1.66
N GLU A 50 -10.84 33.19 -2.72
CA GLU A 50 -11.60 33.78 -3.82
C GLU A 50 -12.48 32.73 -4.48
N PHE A 51 -11.93 31.53 -4.65
CA PHE A 51 -12.69 30.46 -5.28
C PHE A 51 -13.83 29.91 -4.41
N ASP A 52 -13.61 29.79 -3.10
CA ASP A 52 -14.70 29.42 -2.18
C ASP A 52 -15.82 30.44 -2.31
N LYS A 53 -15.43 31.71 -2.38
CA LYS A 53 -16.41 32.78 -2.45
C LYS A 53 -17.18 32.76 -3.77
N LYS A 54 -16.46 32.67 -4.87
CA LYS A 54 -17.07 32.78 -6.21
C LYS A 54 -17.75 31.49 -6.68
N TYR A 55 -17.17 30.36 -6.33
CA TYR A 55 -17.63 29.09 -6.89
C TYR A 55 -18.03 28.05 -5.84
N ASN A 56 -18.25 28.49 -4.61
CA ASN A 56 -18.64 27.64 -3.47
C ASN A 56 -17.50 26.79 -2.92
N PRO A 57 -17.55 26.47 -1.61
CA PRO A 57 -16.60 25.54 -0.99
C PRO A 57 -16.73 24.17 -1.63
N THR A 58 -15.70 23.31 -1.56
CA THR A 58 -14.49 23.58 -0.79
C THR A 58 -13.28 23.45 -1.68
N TRP A 59 -12.55 24.55 -1.88
CA TRP A 59 -11.34 24.53 -2.71
C TRP A 59 -10.09 24.37 -1.86
N HIS A 60 -9.01 23.93 -2.51
CA HIS A 60 -7.72 23.74 -1.87
C HIS A 60 -6.68 24.21 -2.87
N CYS A 61 -5.65 24.90 -2.38
CA CYS A 61 -4.67 25.46 -3.31
C CYS A 61 -3.23 25.23 -2.82
N ILE A 62 -2.40 24.75 -3.73
CA ILE A 62 -0.98 24.51 -3.46
C ILE A 62 -0.19 25.34 -4.47
N VAL A 63 0.82 26.04 -3.97
CA VAL A 63 1.65 26.95 -4.76
C VAL A 63 3.13 26.63 -4.46
N GLY A 64 3.93 26.33 -5.48
CA GLY A 64 5.31 25.98 -5.17
C GLY A 64 6.16 25.74 -6.39
N ARG A 65 7.45 25.49 -6.16
CA ARG A 65 8.38 25.22 -7.24
C ARG A 65 8.79 23.75 -7.32
N ASN A 66 8.67 23.04 -6.19
CA ASN A 66 9.05 21.63 -6.14
C ASN A 66 8.07 20.82 -5.29
N PHE A 67 7.10 20.21 -5.94
CA PHE A 67 6.13 19.36 -5.25
C PHE A 67 5.39 18.45 -6.21
N GLY A 68 4.94 17.31 -5.69
CA GLY A 68 4.06 16.42 -6.42
C GLY A 68 2.81 16.25 -5.58
N SER A 69 1.72 15.82 -6.20
CA SER A 69 0.46 15.68 -5.47
C SER A 69 -0.32 14.50 -6.00
N TYR A 70 -1.19 13.96 -5.16
CA TYR A 70 -2.24 13.05 -5.61
C TYR A 70 -3.50 13.36 -4.81
N VAL A 71 -4.56 13.76 -5.52
CA VAL A 71 -5.73 14.32 -4.87
C VAL A 71 -6.98 13.75 -5.49
N THR A 72 -8.12 14.01 -4.88
CA THR A 72 -9.39 13.70 -5.53
C THR A 72 -10.13 15.01 -5.74
N HIS A 73 -10.57 15.25 -6.98
CA HIS A 73 -11.30 16.48 -7.25
C HIS A 73 -12.68 16.20 -7.83
N GLU A 74 -13.62 17.11 -7.59
CA GLU A 74 -14.88 17.09 -8.32
C GLU A 74 -14.56 17.38 -9.79
N THR A 75 -15.19 16.63 -10.69
CA THR A 75 -14.97 16.87 -12.11
C THR A 75 -15.38 18.30 -12.48
N ARG A 76 -14.69 18.88 -13.46
CA ARG A 76 -14.85 20.27 -13.90
C ARG A 76 -14.23 21.29 -12.93
N HIS A 77 -13.59 20.81 -11.87
CA HIS A 77 -13.03 21.73 -10.89
C HIS A 77 -11.58 21.36 -10.51
N PHE A 78 -10.71 21.29 -11.52
CA PHE A 78 -9.31 20.96 -11.32
C PHE A 78 -8.49 21.73 -12.33
N ILE A 79 -7.48 22.43 -11.86
CA ILE A 79 -6.51 23.05 -12.75
C ILE A 79 -5.11 23.03 -12.11
N TYR A 80 -4.11 22.80 -12.96
CA TYR A 80 -2.70 22.76 -12.55
C TYR A 80 -1.91 23.54 -13.58
N PHE A 81 -1.29 24.65 -13.18
CA PHE A 81 -0.63 25.51 -14.14
C PHE A 81 0.59 26.23 -13.57
N TYR A 82 1.45 26.70 -14.46
CA TYR A 82 2.54 27.58 -14.08
C TYR A 82 2.21 29.01 -14.43
N LEU A 83 2.58 29.91 -13.53
CA LEU A 83 2.66 31.34 -13.82
C LEU A 83 4.11 31.71 -13.58
N GLY A 84 4.85 31.96 -14.66
CA GLY A 84 6.28 32.11 -14.55
C GLY A 84 6.90 30.81 -14.08
N GLN A 85 7.70 30.89 -13.00
CA GLN A 85 8.36 29.71 -12.45
C GLN A 85 7.60 29.11 -11.28
N VAL A 86 6.37 29.57 -11.07
CA VAL A 86 5.56 29.11 -9.95
C VAL A 86 4.47 28.15 -10.40
N ALA A 87 4.38 26.97 -9.79
CA ALA A 87 3.31 26.04 -10.12
C ALA A 87 2.14 26.20 -9.16
N ILE A 88 0.93 26.11 -9.69
CA ILE A 88 -0.28 26.30 -8.87
C ILE A 88 -1.24 25.17 -9.13
N LEU A 89 -1.64 24.51 -8.05
CA LEU A 89 -2.62 23.44 -8.14
C LEU A 89 -3.87 23.94 -7.42
N LEU A 90 -5.02 23.93 -8.10
CA LEU A 90 -6.25 24.43 -7.51
C LEU A 90 -7.40 23.49 -7.84
N PHE A 91 -8.07 22.96 -6.81
CA PHE A 91 -9.12 21.99 -7.06
C PHE A 91 -10.16 22.01 -5.96
N LYS A 92 -11.36 21.53 -6.30
CA LYS A 92 -12.50 21.52 -5.41
C LYS A 92 -12.73 20.07 -4.95
N SER A 93 -12.82 19.88 -3.64
CA SER A 93 -13.15 18.59 -3.04
C SER A 93 -13.83 18.83 -1.72
N ALA B 11 11.90 12.18 11.20
CA ALA B 11 10.51 12.63 11.12
C ALA B 11 10.23 13.79 12.08
N VAL B 12 9.89 14.95 11.53
CA VAL B 12 9.54 16.10 12.36
C VAL B 12 8.12 16.59 12.07
N ILE B 13 7.24 16.49 13.07
CA ILE B 13 5.85 16.91 12.90
C ILE B 13 5.75 18.42 13.10
N LYS B 14 5.28 19.13 12.09
CA LYS B 14 5.22 20.60 12.13
C LYS B 14 3.86 21.09 12.60
N ASN B 15 2.81 20.40 12.17
CA ASN B 15 1.45 20.79 12.52
C ASN B 15 0.54 19.60 12.35
N ALA B 16 -0.23 19.30 13.40
CA ALA B 16 -1.14 18.15 13.33
C ALA B 16 -2.47 18.40 14.02
N ASP B 17 -3.54 17.96 13.38
CA ASP B 17 -4.84 17.82 14.02
C ASP B 17 -5.20 16.38 13.70
N MET B 18 -4.74 15.46 14.53
CA MET B 18 -4.80 14.04 14.23
C MET B 18 -4.38 13.26 15.47
N SER B 19 -4.99 12.10 15.68
CA SER B 19 -4.62 11.26 16.82
C SER B 19 -3.15 10.88 16.73
N GLU B 20 -2.52 10.69 17.89
CA GLU B 20 -1.11 10.28 17.95
C GLU B 20 -0.89 9.02 17.13
N GLU B 21 -1.88 8.12 17.19
CA GLU B 21 -1.83 6.84 16.49
C GLU B 21 -1.83 6.99 14.97
N MET B 22 -2.73 7.83 14.46
CA MET B 22 -2.82 8.07 13.02
C MET B 22 -1.61 8.83 12.51
N GLN B 23 -1.04 9.69 13.36
CA GLN B 23 0.19 10.40 13.04
C GLN B 23 1.32 9.42 12.78
N GLN B 24 1.42 8.40 13.64
CA GLN B 24 2.42 7.34 13.48
C GLN B 24 2.22 6.62 12.15
N ASP B 25 0.96 6.34 11.83
CA ASP B 25 0.64 5.65 10.59
C ASP B 25 1.01 6.49 9.36
N ALA B 26 0.78 7.80 9.43
CA ALA B 26 1.17 8.71 8.35
C ALA B 26 2.68 8.69 8.12
N VAL B 27 3.43 8.75 9.21
CA VAL B 27 4.89 8.68 9.16
C VAL B 27 5.38 7.35 8.57
N ASP B 28 4.83 6.24 9.05
CA ASP B 28 5.23 4.92 8.55
C ASP B 28 4.91 4.78 7.07
N CYS B 29 3.77 5.36 6.68
CA CYS B 29 3.30 5.25 5.31
C CYS B 29 4.21 6.04 4.39
N ALA B 30 4.53 7.25 4.80
CA ALA B 30 5.44 8.10 4.04
C ALA B 30 6.84 7.48 3.96
N THR B 31 7.27 6.85 5.05
CA THR B 31 8.58 6.20 5.11
C THR B 31 8.67 5.08 4.08
N GLN B 32 7.62 4.26 4.01
CA GLN B 32 7.54 3.17 3.04
C GLN B 32 7.51 3.72 1.62
N ALA B 33 6.77 4.80 1.41
CA ALA B 33 6.64 5.38 0.07
C ALA B 33 7.98 5.90 -0.43
N LEU B 34 8.74 6.53 0.46
CA LEU B 34 10.05 7.09 0.10
C LEU B 34 11.07 6.02 -0.24
N GLU B 35 10.88 4.81 0.28
CA GLU B 35 11.76 3.69 -0.03
C GLU B 35 11.44 3.11 -1.40
N LYS B 36 10.15 3.12 -1.74
CA LYS B 36 9.69 2.55 -2.98
C LYS B 36 9.83 3.52 -4.15
N TYR B 37 9.71 4.82 -3.87
CA TYR B 37 9.66 5.84 -4.93
C TYR B 37 10.56 7.04 -4.64
N ASN B 38 11.05 7.69 -5.71
CA ASN B 38 11.80 8.94 -5.55
C ASN B 38 11.15 10.15 -6.24
N ILE B 39 10.02 9.92 -6.91
CA ILE B 39 9.29 11.00 -7.58
C ILE B 39 8.14 11.45 -6.68
N GLU B 40 8.03 12.76 -6.42
CA GLU B 40 7.01 13.29 -5.51
C GLU B 40 5.59 12.81 -5.79
N LYS B 41 5.18 12.85 -7.06
CA LYS B 41 3.82 12.42 -7.44
C LYS B 41 3.55 10.96 -7.04
N ASP B 42 4.53 10.09 -7.26
CA ASP B 42 4.38 8.68 -6.92
C ASP B 42 4.33 8.47 -5.41
N ILE B 43 5.14 9.22 -4.69
CA ILE B 43 5.17 9.15 -3.23
C ILE B 43 3.81 9.60 -2.67
N ALA B 44 3.30 10.71 -3.19
CA ALA B 44 2.01 11.24 -2.77
C ALA B 44 0.89 10.26 -3.09
N ALA B 45 0.94 9.66 -4.26
CA ALA B 45 -0.08 8.70 -4.66
C ALA B 45 -0.10 7.48 -3.74
N TYR B 46 1.08 7.02 -3.35
CA TYR B 46 1.20 5.85 -2.47
C TYR B 46 0.47 6.15 -1.17
N ILE B 47 0.81 7.29 -0.56
CA ILE B 47 0.27 7.68 0.74
C ILE B 47 -1.23 7.93 0.67
N LYS B 48 -1.67 8.68 -0.35
CA LYS B 48 -3.09 9.00 -0.53
C LYS B 48 -3.92 7.72 -0.67
N LYS B 49 -3.46 6.82 -1.52
CA LYS B 49 -4.19 5.57 -1.76
C LYS B 49 -4.25 4.69 -0.51
N GLU B 50 -3.15 4.59 0.21
CA GLU B 50 -3.14 3.82 1.45
C GLU B 50 -4.07 4.41 2.53
N PHE B 51 -4.13 5.73 2.64
CA PHE B 51 -5.04 6.34 3.59
C PHE B 51 -6.50 6.24 3.16
N ASP B 52 -6.76 6.34 1.86
CA ASP B 52 -8.13 6.14 1.36
C ASP B 52 -8.60 4.73 1.73
N LYS B 53 -7.69 3.78 1.65
CA LYS B 53 -8.05 2.38 1.87
C LYS B 53 -8.25 2.11 3.37
N LYS B 54 -7.39 2.67 4.20
CA LYS B 54 -7.40 2.38 5.63
C LYS B 54 -8.36 3.27 6.44
N TYR B 55 -8.58 4.50 5.97
CA TYR B 55 -9.36 5.45 6.74
C TYR B 55 -10.49 6.10 5.93
N ASN B 56 -10.87 5.44 4.84
CA ASN B 56 -11.92 5.92 3.93
C ASN B 56 -11.51 7.15 3.15
N PRO B 57 -12.08 7.32 1.95
CA PRO B 57 -11.90 8.56 1.19
C PRO B 57 -12.55 9.72 1.97
N THR B 58 -12.12 10.96 1.74
CA THR B 58 -11.27 11.33 0.63
C THR B 58 -10.02 12.04 1.14
N TRP B 59 -8.86 11.42 0.94
CA TRP B 59 -7.59 12.03 1.34
C TRP B 59 -6.88 12.71 0.16
N HIS B 60 -5.97 13.62 0.49
CA HIS B 60 -5.18 14.33 -0.50
C HIS B 60 -3.78 14.40 0.06
N CYS B 61 -2.78 14.27 -0.81
CA CYS B 61 -1.41 14.29 -0.30
C CYS B 61 -0.52 15.10 -1.20
N ILE B 62 0.29 15.96 -0.57
CA ILE B 62 1.24 16.80 -1.28
C ILE B 62 2.62 16.49 -0.67
N VAL B 63 3.60 16.26 -1.55
CA VAL B 63 4.95 15.91 -1.12
C VAL B 63 5.93 16.82 -1.83
N GLY B 64 6.83 17.46 -1.11
CA GLY B 64 7.79 18.29 -1.80
C GLY B 64 8.71 19.10 -0.92
N ARG B 65 9.79 19.59 -1.50
CA ARG B 65 10.73 20.44 -0.77
C ARG B 65 10.31 21.91 -0.71
N ASN B 66 9.59 22.37 -1.73
CA ASN B 66 9.23 23.79 -1.82
C ASN B 66 7.79 24.03 -2.25
N PHE B 67 6.92 24.29 -1.27
CA PHE B 67 5.52 24.61 -1.54
C PHE B 67 4.84 25.22 -0.33
N GLY B 68 3.78 25.98 -0.60
CA GLY B 68 2.90 26.49 0.45
C GLY B 68 1.50 26.02 0.10
N SER B 69 0.60 26.01 1.07
CA SER B 69 -0.74 25.48 0.81
C SER B 69 -1.76 26.20 1.64
N TYR B 70 -3.01 26.16 1.19
CA TYR B 70 -4.13 26.57 2.03
C TYR B 70 -5.28 25.64 1.69
N VAL B 71 -5.69 24.85 2.68
CA VAL B 71 -6.64 23.78 2.44
C VAL B 71 -7.70 23.77 3.52
N THR B 72 -8.74 22.97 3.32
CA THR B 72 -9.75 22.80 4.35
C THR B 72 -9.82 21.31 4.66
N HIS B 73 -9.77 20.97 5.95
CA HIS B 73 -9.71 19.57 6.35
C HIS B 73 -10.75 19.26 7.41
N GLU B 74 -11.21 18.02 7.44
CA GLU B 74 -12.05 17.57 8.55
C GLU B 74 -11.22 17.55 9.82
N THR B 75 -11.84 17.87 10.97
CA THR B 75 -11.10 17.86 12.23
C THR B 75 -10.54 16.48 12.47
N ARG B 76 -9.36 16.41 13.08
CA ARG B 76 -8.67 15.17 13.45
C ARG B 76 -8.10 14.41 12.25
N HIS B 77 -8.12 15.05 11.09
CA HIS B 77 -7.60 14.41 9.88
C HIS B 77 -6.66 15.34 9.10
N PHE B 78 -5.62 15.83 9.77
CA PHE B 78 -4.65 16.74 9.13
C PHE B 78 -3.26 16.53 9.74
N ILE B 79 -2.28 16.34 8.88
CA ILE B 79 -0.91 16.30 9.35
C ILE B 79 0.02 16.93 8.34
N TYR B 80 0.96 17.70 8.84
CA TYR B 80 1.99 18.34 8.03
C TYR B 80 3.33 18.04 8.71
N PHE B 81 4.17 17.27 8.03
CA PHE B 81 5.43 16.84 8.63
C PHE B 81 6.58 16.78 7.65
N TYR B 82 7.79 16.73 8.18
CA TYR B 82 8.97 16.53 7.36
C TYR B 82 9.53 15.13 7.61
N LEU B 83 9.92 14.48 6.53
CA LEU B 83 10.76 13.30 6.62
C LEU B 83 12.10 13.71 6.06
N GLY B 84 13.03 14.01 6.96
CA GLY B 84 14.26 14.64 6.56
C GLY B 84 13.94 16.02 6.02
N GLN B 85 14.25 16.24 4.75
CA GLN B 85 14.19 17.54 4.11
C GLN B 85 12.94 17.69 3.23
N VAL B 86 12.17 16.61 3.11
CA VAL B 86 10.98 16.62 2.28
C VAL B 86 9.76 16.84 3.14
N ALA B 87 8.89 17.76 2.74
CA ALA B 87 7.65 18.03 3.46
C ALA B 87 6.49 17.20 2.94
N ILE B 88 5.66 16.71 3.85
CA ILE B 88 4.45 15.98 3.49
C ILE B 88 3.21 16.58 4.14
N LEU B 89 2.24 16.89 3.30
CA LEU B 89 0.92 17.34 3.73
C LEU B 89 -0.08 16.25 3.39
N LEU B 90 -0.81 15.78 4.41
CA LEU B 90 -1.80 14.73 4.22
C LEU B 90 -3.06 15.10 5.00
N PHE B 91 -4.20 15.14 4.32
CA PHE B 91 -5.41 15.57 4.99
C PHE B 91 -6.64 15.01 4.32
N LYS B 92 -7.73 14.94 5.08
CA LYS B 92 -8.99 14.48 4.54
C LYS B 92 -9.94 15.65 4.37
N SER B 93 -10.56 15.76 3.20
CA SER B 93 -11.54 16.81 2.98
C SER B 93 -12.89 16.41 3.58
N ASN C 1 -22.01 10.62 -7.78
CA ASN C 1 -20.55 10.59 -7.70
C ASN C 1 -19.93 11.44 -8.82
N TYR C 2 -19.29 12.54 -8.44
CA TYR C 2 -18.70 13.47 -9.40
C TYR C 2 -17.21 13.63 -9.19
N THR C 3 -16.55 12.62 -8.65
CA THR C 3 -15.13 12.77 -8.31
C THR C 3 -14.20 11.80 -9.05
N ILE C 4 -12.95 12.22 -9.20
CA ILE C 4 -11.91 11.41 -9.85
C ILE C 4 -10.58 11.80 -9.23
N CYS C 5 -9.59 10.91 -9.30
CA CYS C 5 -8.27 11.21 -8.77
C CYS C 5 -7.37 11.76 -9.87
N ALA C 6 -6.44 12.64 -9.48
CA ALA C 6 -5.43 13.15 -10.41
C ALA C 6 -4.14 13.41 -9.66
N GLY C 7 -3.02 13.33 -10.37
CA GLY C 7 -1.73 13.64 -9.78
C GLY C 7 -1.00 14.74 -10.52
N THR C 8 -0.11 15.47 -9.83
CA THR C 8 0.70 16.50 -10.49
C THR C 8 2.17 16.36 -10.09
N GLN C 9 3.06 16.86 -10.94
CA GLN C 9 4.48 16.87 -10.65
C GLN C 9 5.06 18.17 -11.21
N THR C 10 5.87 18.87 -10.44
CA THR C 10 6.53 20.09 -10.93
C THR C 10 7.66 19.71 -11.89
N ASP C 11 7.99 20.61 -12.80
CA ASP C 11 9.06 20.40 -13.77
C ASP C 11 10.41 20.37 -13.07
N PRO C 12 11.41 19.72 -13.67
CA PRO C 12 12.73 19.55 -13.07
C PRO C 12 13.40 20.87 -12.69
N TYR D 2 -17.00 18.51 11.15
CA TYR D 2 -16.58 19.91 11.17
C TYR D 2 -15.29 20.08 10.37
N THR D 3 -15.14 21.22 9.70
CA THR D 3 -13.94 21.48 8.92
C THR D 3 -13.20 22.76 9.33
N ILE D 4 -11.89 22.73 9.11
CA ILE D 4 -10.97 23.77 9.54
C ILE D 4 -10.09 24.17 8.36
N CYS D 5 -9.81 25.47 8.18
CA CYS D 5 -8.82 25.88 7.18
C CYS D 5 -7.43 25.91 7.78
N ALA D 6 -6.43 25.45 7.02
CA ALA D 6 -5.08 25.39 7.54
C ALA D 6 -4.11 25.75 6.44
N GLY D 7 -3.04 26.46 6.77
CA GLY D 7 -2.01 26.77 5.79
C GLY D 7 -0.69 26.15 6.17
N THR D 8 0.11 25.79 5.17
CA THR D 8 1.45 25.25 5.42
C THR D 8 2.48 25.98 4.57
N GLN D 9 3.72 26.03 5.03
CA GLN D 9 4.77 26.65 4.24
C GLN D 9 6.11 26.00 4.49
N THR D 10 6.76 25.52 3.42
CA THR D 10 8.08 24.92 3.58
C THR D 10 9.08 26.02 3.95
N ASP D 11 10.15 25.62 4.62
CA ASP D 11 11.21 26.55 4.97
C ASP D 11 12.43 26.33 4.08
N ALA E 11 13.19 -34.83 12.00
CA ALA E 11 13.07 -33.50 11.40
C ALA E 11 14.37 -33.02 10.76
N VAL E 12 14.28 -32.56 9.52
CA VAL E 12 15.41 -31.99 8.81
C VAL E 12 15.19 -30.52 8.56
N ILE E 13 15.97 -29.66 9.24
CA ILE E 13 15.83 -28.23 9.08
C ILE E 13 16.56 -27.77 7.84
N LYS E 14 15.85 -27.20 6.88
CA LYS E 14 16.45 -26.80 5.60
C LYS E 14 16.92 -25.37 5.64
N ASN E 15 16.09 -24.50 6.21
CA ASN E 15 16.40 -23.08 6.25
C ASN E 15 15.69 -22.50 7.46
N ALA E 16 16.44 -22.00 8.42
CA ALA E 16 15.82 -21.40 9.60
C ALA E 16 16.43 -20.04 9.91
N ASP E 17 15.56 -19.10 10.28
CA ASP E 17 15.97 -17.84 10.85
C ASP E 17 15.11 -17.75 12.09
N MET E 18 15.57 -18.42 13.14
CA MET E 18 14.78 -18.65 14.34
C MET E 18 15.74 -19.14 15.42
N SER E 19 15.48 -18.79 16.68
CA SER E 19 16.32 -19.26 17.77
C SER E 19 16.18 -20.78 17.90
N GLU E 20 17.17 -21.43 18.50
CA GLU E 20 17.11 -22.88 18.76
C GLU E 20 15.86 -23.25 19.53
N GLU E 21 15.48 -22.40 20.49
CA GLU E 21 14.29 -22.64 21.31
C GLU E 21 13.00 -22.59 20.49
N MET E 22 12.88 -21.59 19.62
CA MET E 22 11.68 -21.49 18.79
C MET E 22 11.63 -22.59 17.73
N GLN E 23 12.79 -23.00 17.23
CA GLN E 23 12.86 -24.10 16.27
C GLN E 23 12.31 -25.39 16.88
N GLN E 24 12.68 -25.67 18.13
CA GLN E 24 12.19 -26.87 18.81
C GLN E 24 10.68 -26.81 19.01
N ASP E 25 10.17 -25.63 19.35
CA ASP E 25 8.72 -25.43 19.45
C ASP E 25 8.03 -25.73 18.13
N ALA E 26 8.59 -25.23 17.04
CA ALA E 26 8.02 -25.46 15.71
C ALA E 26 8.01 -26.97 15.37
N VAL E 27 9.13 -27.65 15.60
CA VAL E 27 9.19 -29.09 15.34
C VAL E 27 8.23 -29.89 16.22
N ASP E 28 8.18 -29.57 17.51
CA ASP E 28 7.26 -30.23 18.43
C ASP E 28 5.81 -30.02 17.99
N CYS E 29 5.52 -28.80 17.55
CA CYS E 29 4.16 -28.44 17.18
C CYS E 29 3.73 -29.24 15.96
N ALA E 30 4.63 -29.32 14.98
CA ALA E 30 4.36 -30.07 13.77
C ALA E 30 4.23 -31.56 14.06
N THR E 31 5.04 -32.04 15.00
CA THR E 31 4.99 -33.44 15.38
C THR E 31 3.63 -33.78 15.98
N GLN E 32 3.15 -32.91 16.88
CA GLN E 32 1.82 -33.03 17.47
C GLN E 32 0.74 -33.01 16.40
N ALA E 33 0.88 -32.12 15.43
CA ALA E 33 -0.10 -31.98 14.36
C ALA E 33 -0.22 -33.25 13.53
N LEU E 34 0.93 -33.85 13.19
CA LEU E 34 0.95 -35.06 12.37
C LEU E 34 0.39 -36.27 13.10
N GLU E 35 0.43 -36.23 14.43
CA GLU E 35 -0.16 -37.30 15.23
C GLU E 35 -1.68 -37.18 15.25
N LYS E 36 -2.17 -35.97 15.08
CA LYS E 36 -3.60 -35.71 15.17
C LYS E 36 -4.30 -35.65 13.81
N TYR E 37 -3.57 -35.26 12.76
CA TYR E 37 -4.21 -35.02 11.46
C TYR E 37 -3.47 -35.68 10.30
N ASN E 38 -4.21 -36.04 9.25
CA ASN E 38 -3.57 -36.57 8.05
C ASN E 38 -3.83 -35.75 6.78
N ILE E 39 -4.44 -34.58 6.93
CA ILE E 39 -4.71 -33.70 5.81
C ILE E 39 -3.86 -32.44 5.94
N GLU E 40 -3.16 -32.03 4.88
CA GLU E 40 -2.21 -30.90 4.97
C GLU E 40 -2.84 -29.62 5.54
N LYS E 41 -4.05 -29.29 5.12
CA LYS E 41 -4.72 -28.08 5.59
C LYS E 41 -4.92 -28.10 7.12
N ASP E 42 -5.27 -29.26 7.66
CA ASP E 42 -5.53 -29.38 9.10
C ASP E 42 -4.23 -29.32 9.91
N ILE E 43 -3.20 -29.97 9.37
CA ILE E 43 -1.88 -29.90 9.97
C ILE E 43 -1.40 -28.45 10.02
N ALA E 44 -1.49 -27.76 8.89
CA ALA E 44 -1.08 -26.35 8.80
C ALA E 44 -1.87 -25.49 9.77
N ALA E 45 -3.17 -25.72 9.83
CA ALA E 45 -4.02 -24.92 10.72
C ALA E 45 -3.66 -25.12 12.20
N TYR E 46 -3.33 -26.34 12.59
CA TYR E 46 -2.95 -26.61 13.96
C TYR E 46 -1.69 -25.82 14.34
N ILE E 47 -0.69 -25.89 13.47
CA ILE E 47 0.60 -25.23 13.73
C ILE E 47 0.45 -23.72 13.75
N LYS E 48 -0.27 -23.17 12.76
CA LYS E 48 -0.46 -21.73 12.67
C LYS E 48 -1.17 -21.20 13.90
N LYS E 49 -2.22 -21.88 14.32
CA LYS E 49 -3.00 -21.42 15.46
C LYS E 49 -2.20 -21.45 16.76
N GLU E 50 -1.41 -22.49 16.95
CA GLU E 50 -0.57 -22.60 18.14
C GLU E 50 0.48 -21.50 18.18
N PHE E 51 1.06 -21.17 17.02
CA PHE E 51 2.04 -20.09 16.99
C PHE E 51 1.42 -18.71 17.18
N ASP E 52 0.22 -18.49 16.63
CA ASP E 52 -0.46 -17.21 16.82
C ASP E 52 -0.71 -16.98 18.30
N LYS E 53 -1.09 -18.05 18.97
CA LYS E 53 -1.43 -18.01 20.38
C LYS E 53 -0.20 -17.75 21.25
N LYS E 54 0.86 -18.53 21.05
CA LYS E 54 2.04 -18.43 21.91
C LYS E 54 2.96 -17.27 21.54
N TYR E 55 3.09 -17.00 20.24
CA TYR E 55 4.05 -16.03 19.75
C TYR E 55 3.44 -14.74 19.22
N ASN E 56 2.12 -14.61 19.32
CA ASN E 56 1.36 -13.45 18.82
C ASN E 56 1.20 -13.54 17.28
N PRO E 57 0.09 -13.03 16.75
CA PRO E 57 -0.15 -13.01 15.30
C PRO E 57 0.88 -12.12 14.63
N THR E 58 1.14 -12.28 13.33
CA THR E 58 0.38 -13.10 12.42
C THR E 58 1.28 -14.16 11.78
N TRP E 59 1.00 -15.43 12.05
CA TRP E 59 1.78 -16.53 11.43
C TRP E 59 1.05 -17.15 10.24
N HIS E 60 1.84 -17.80 9.38
CA HIS E 60 1.31 -18.46 8.20
C HIS E 60 1.99 -19.81 8.06
N CYS E 61 1.24 -20.85 7.72
CA CYS E 61 1.85 -22.17 7.65
C CYS E 61 1.43 -22.90 6.39
N ILE E 62 2.41 -23.46 5.69
CA ILE E 62 2.17 -24.25 4.49
C ILE E 62 2.79 -25.63 4.74
N VAL E 63 2.04 -26.68 4.40
CA VAL E 63 2.45 -28.06 4.64
C VAL E 63 2.24 -28.86 3.37
N GLY E 64 3.27 -29.55 2.89
CA GLY E 64 3.05 -30.37 1.70
C GLY E 64 4.31 -30.99 1.13
N ARG E 65 4.11 -31.90 0.17
CA ARG E 65 5.22 -32.57 -0.50
C ARG E 65 5.73 -31.81 -1.73
N ASN E 66 4.88 -30.98 -2.30
CA ASN E 66 5.25 -30.30 -3.55
C ASN E 66 4.75 -28.86 -3.62
N PHE E 67 5.65 -27.93 -3.30
CA PHE E 67 5.37 -26.50 -3.42
C PHE E 67 6.62 -25.65 -3.39
N GLY E 68 6.51 -24.46 -3.96
CA GLY E 68 7.53 -23.45 -3.82
C GLY E 68 6.86 -22.24 -3.23
N SER E 69 7.65 -21.33 -2.68
CA SER E 69 7.09 -20.15 -2.04
C SER E 69 8.02 -18.97 -2.19
N TYR E 70 7.43 -17.78 -2.08
CA TYR E 70 8.21 -16.56 -1.93
C TYR E 70 7.42 -15.62 -1.04
N VAL E 71 8.00 -15.31 0.12
CA VAL E 71 7.25 -14.64 1.19
C VAL E 71 8.11 -13.58 1.83
N THR E 72 7.47 -12.73 2.63
CA THR E 72 8.20 -11.75 3.42
C THR E 72 7.97 -12.08 4.88
N HIS E 73 9.04 -12.22 5.65
CA HIS E 73 8.90 -12.58 7.07
C HIS E 73 9.65 -11.63 7.97
N GLU E 74 9.15 -11.48 9.19
CA GLU E 74 9.88 -10.74 10.22
C GLU E 74 11.18 -11.52 10.51
N THR E 75 12.30 -10.80 10.61
CA THR E 75 13.56 -11.47 10.88
C THR E 75 13.44 -12.27 12.19
N ARG E 76 14.12 -13.42 12.23
CA ARG E 76 14.14 -14.31 13.41
C ARG E 76 12.80 -15.03 13.65
N HIS E 77 11.93 -14.99 12.65
CA HIS E 77 10.64 -15.68 12.74
C HIS E 77 10.31 -16.46 11.46
N PHE E 78 11.23 -17.29 11.01
CA PHE E 78 11.07 -18.07 9.78
C PHE E 78 11.68 -19.45 9.97
N ILE E 79 10.94 -20.49 9.58
CA ILE E 79 11.51 -21.84 9.54
C ILE E 79 10.94 -22.65 8.38
N TYR E 80 11.82 -23.39 7.72
CA TYR E 80 11.44 -24.28 6.64
C TYR E 80 12.09 -25.62 6.92
N PHE E 81 11.27 -26.65 7.12
CA PHE E 81 11.79 -27.95 7.52
C PHE E 81 10.95 -29.13 7.03
N TYR E 82 11.57 -30.30 7.05
CA TYR E 82 10.89 -31.52 6.67
C TYR E 82 10.63 -32.39 7.89
N LEU E 83 9.46 -33.00 7.91
CA LEU E 83 9.15 -34.02 8.89
C LEU E 83 8.83 -35.22 8.04
N GLY E 84 9.79 -36.13 7.93
CA GLY E 84 9.71 -37.21 6.95
C GLY E 84 9.77 -36.62 5.55
N GLN E 85 8.83 -37.01 4.71
CA GLN E 85 8.79 -36.52 3.33
C GLN E 85 7.89 -35.30 3.13
N VAL E 86 7.38 -34.76 4.24
CA VAL E 86 6.47 -33.62 4.20
C VAL E 86 7.23 -32.35 4.62
N ALA E 87 7.20 -31.32 3.78
CA ALA E 87 7.86 -30.04 4.07
C ALA E 87 6.91 -29.12 4.82
N ILE E 88 7.45 -28.31 5.73
CA ILE E 88 6.63 -27.38 6.51
C ILE E 88 7.28 -26.01 6.47
N LEU E 89 6.52 -25.02 6.01
CA LEU E 89 6.97 -23.63 6.01
C LEU E 89 6.14 -22.91 7.06
N LEU E 90 6.81 -22.27 8.01
CA LEU E 90 6.12 -21.53 9.07
C LEU E 90 6.84 -20.21 9.27
N PHE E 91 6.12 -19.11 9.18
CA PHE E 91 6.77 -17.81 9.32
C PHE E 91 5.79 -16.76 9.80
N LYS E 92 6.33 -15.69 10.36
CA LYS E 92 5.52 -14.57 10.84
C LYS E 92 5.71 -13.42 9.87
N SER E 93 4.61 -12.84 9.41
CA SER E 93 4.71 -11.79 8.42
C SER E 93 4.99 -10.43 9.06
N ALA F 11 -8.01 -21.77 -16.23
CA ALA F 11 -7.92 -21.01 -14.98
C ALA F 11 -9.14 -21.23 -14.10
N VAL F 12 -8.97 -21.94 -12.99
CA VAL F 12 -10.09 -22.27 -12.12
C VAL F 12 -9.93 -21.64 -10.73
N ILE F 13 -10.86 -20.74 -10.40
CA ILE F 13 -10.80 -20.04 -9.12
C ILE F 13 -11.44 -20.91 -8.04
N LYS F 14 -10.67 -21.28 -7.01
CA LYS F 14 -11.15 -22.16 -5.96
C LYS F 14 -11.76 -21.38 -4.79
N ASN F 15 -11.07 -20.33 -4.36
CA ASN F 15 -11.54 -19.50 -3.26
C ASN F 15 -11.01 -18.11 -3.46
N ALA F 16 -11.89 -17.12 -3.45
CA ALA F 16 -11.44 -15.74 -3.62
C ALA F 16 -12.11 -14.78 -2.65
N ASP F 17 -11.32 -13.86 -2.13
CA ASP F 17 -11.82 -12.68 -1.42
C ASP F 17 -11.02 -11.54 -2.01
N MET F 18 -11.50 -11.03 -3.14
CA MET F 18 -10.71 -10.10 -3.94
C MET F 18 -11.60 -9.50 -5.03
N SER F 19 -11.32 -8.27 -5.41
CA SER F 19 -12.06 -7.61 -6.48
C SER F 19 -11.89 -8.39 -7.79
N GLU F 20 -12.87 -8.30 -8.68
CA GLU F 20 -12.81 -8.99 -9.98
C GLU F 20 -11.62 -8.51 -10.81
N GLU F 21 -11.33 -7.23 -10.73
CA GLU F 21 -10.20 -6.64 -11.42
C GLU F 21 -8.87 -7.18 -10.91
N MET F 22 -8.72 -7.27 -9.58
CA MET F 22 -7.48 -7.79 -9.02
C MET F 22 -7.34 -9.29 -9.28
N GLN F 23 -8.46 -10.02 -9.31
CA GLN F 23 -8.41 -11.44 -9.63
C GLN F 23 -7.87 -11.64 -11.03
N GLN F 24 -8.29 -10.79 -11.96
CA GLN F 24 -7.83 -10.88 -13.34
C GLN F 24 -6.34 -10.61 -13.41
N ASP F 25 -5.86 -9.66 -12.60
CA ASP F 25 -4.44 -9.36 -12.58
C ASP F 25 -3.65 -10.54 -12.03
N ALA F 26 -4.18 -11.16 -10.98
CA ALA F 26 -3.53 -12.33 -10.38
C ALA F 26 -3.42 -13.46 -11.41
N VAL F 27 -4.50 -13.70 -12.15
CA VAL F 27 -4.50 -14.72 -13.20
C VAL F 27 -3.54 -14.36 -14.34
N ASP F 28 -3.59 -13.10 -14.78
CA ASP F 28 -2.68 -12.63 -15.83
C ASP F 28 -1.22 -12.79 -15.40
N CYS F 29 -0.93 -12.34 -14.19
CA CYS F 29 0.42 -12.42 -13.65
C CYS F 29 0.90 -13.87 -13.58
N ALA F 30 0.03 -14.74 -13.09
CA ALA F 30 0.40 -16.14 -12.95
C ALA F 30 0.59 -16.80 -14.33
N THR F 31 -0.20 -16.39 -15.32
CA THR F 31 -0.07 -16.94 -16.66
C THR F 31 1.29 -16.56 -17.24
N GLN F 32 1.69 -15.32 -17.04
CA GLN F 32 3.01 -14.85 -17.46
C GLN F 32 4.13 -15.63 -16.77
N ALA F 33 4.01 -15.84 -15.46
CA ALA F 33 5.05 -16.54 -14.71
C ALA F 33 5.24 -17.98 -15.19
N LEU F 34 4.13 -18.69 -15.41
CA LEU F 34 4.17 -20.09 -15.85
C LEU F 34 4.72 -20.25 -17.27
N GLU F 35 4.53 -19.24 -18.10
CA GLU F 35 5.07 -19.29 -19.46
C GLU F 35 6.60 -19.18 -19.42
N LYS F 36 7.10 -18.47 -18.42
CA LYS F 36 8.54 -18.25 -18.32
C LYS F 36 9.26 -19.25 -17.44
N TYR F 37 8.70 -19.53 -16.26
CA TYR F 37 9.41 -20.33 -15.26
C TYR F 37 8.85 -21.73 -15.06
N ASN F 38 9.74 -22.70 -14.90
CA ASN F 38 9.35 -24.08 -14.65
C ASN F 38 9.34 -24.46 -13.17
N ILE F 39 10.09 -23.72 -12.35
CA ILE F 39 10.24 -24.09 -10.95
C ILE F 39 9.28 -23.26 -10.08
N GLU F 40 8.56 -23.94 -9.17
CA GLU F 40 7.50 -23.30 -8.40
C GLU F 40 7.97 -22.08 -7.62
N LYS F 41 9.15 -22.16 -7.02
CA LYS F 41 9.67 -21.02 -6.26
C LYS F 41 9.86 -19.78 -7.14
N ASP F 42 10.27 -20.00 -8.39
CA ASP F 42 10.50 -18.88 -9.31
C ASP F 42 9.19 -18.27 -9.79
N ILE F 43 8.21 -19.14 -10.01
CA ILE F 43 6.87 -18.70 -10.38
C ILE F 43 6.25 -17.87 -9.25
N ALA F 44 6.37 -18.36 -8.02
CA ALA F 44 5.89 -17.65 -6.82
C ALA F 44 6.56 -16.29 -6.64
N ALA F 45 7.89 -16.27 -6.83
CA ALA F 45 8.66 -15.03 -6.70
C ALA F 45 8.22 -13.96 -7.69
N TYR F 46 8.07 -14.36 -8.94
CA TYR F 46 7.59 -13.44 -9.97
C TYR F 46 6.23 -12.83 -9.60
N ILE F 47 5.27 -13.67 -9.21
CA ILE F 47 3.93 -13.18 -8.88
C ILE F 47 3.93 -12.27 -7.65
N LYS F 48 4.64 -12.68 -6.59
CA LYS F 48 4.75 -11.88 -5.37
C LYS F 48 5.35 -10.50 -5.65
N LYS F 49 6.46 -10.48 -6.39
CA LYS F 49 7.15 -9.22 -6.70
C LYS F 49 6.27 -8.27 -7.51
N GLU F 50 5.54 -8.80 -8.48
CA GLU F 50 4.67 -7.97 -9.30
C GLU F 50 3.50 -7.39 -8.52
N PHE F 51 2.94 -8.18 -7.60
CA PHE F 51 1.88 -7.66 -6.74
C PHE F 51 2.37 -6.64 -5.71
N ASP F 52 3.56 -6.84 -5.15
CA ASP F 52 4.15 -5.85 -4.25
C ASP F 52 4.32 -4.53 -5.00
N LYS F 53 4.73 -4.61 -6.25
CA LYS F 53 4.97 -3.40 -7.04
C LYS F 53 3.68 -2.68 -7.42
N LYS F 54 2.68 -3.43 -7.82
CA LYS F 54 1.44 -2.88 -8.32
C LYS F 54 0.48 -2.48 -7.20
N TYR F 55 0.38 -3.31 -6.17
CA TYR F 55 -0.64 -3.11 -5.15
C TYR F 55 -0.08 -2.80 -3.76
N ASN F 56 1.23 -2.60 -3.69
CA ASN F 56 1.96 -2.35 -2.44
C ASN F 56 2.12 -3.61 -1.58
N PRO F 57 3.20 -3.66 -0.79
CA PRO F 57 3.44 -4.78 0.13
C PRO F 57 2.31 -4.86 1.15
N THR F 58 2.11 -6.01 1.79
CA THR F 58 3.03 -7.14 1.68
C THR F 58 2.35 -8.41 1.18
N TRP F 59 2.77 -8.91 0.02
CA TRP F 59 2.15 -10.10 -0.58
C TRP F 59 3.00 -11.36 -0.34
N HIS F 60 2.34 -12.51 -0.35
CA HIS F 60 3.02 -13.80 -0.22
C HIS F 60 2.44 -14.73 -1.26
N CYS F 61 3.26 -15.60 -1.84
CA CYS F 61 2.77 -16.48 -2.89
C CYS F 61 3.32 -17.89 -2.75
N ILE F 62 2.40 -18.86 -2.79
CA ILE F 62 2.75 -20.27 -2.76
C ILE F 62 2.25 -20.91 -4.05
N VAL F 63 3.10 -21.71 -4.68
CA VAL F 63 2.77 -22.34 -5.95
C VAL F 63 3.12 -23.82 -5.86
N GLY F 64 2.19 -24.71 -6.20
CA GLY F 64 2.51 -26.11 -6.11
C GLY F 64 1.39 -27.06 -6.46
N ARG F 65 1.70 -28.35 -6.42
CA ARG F 65 0.73 -29.38 -6.77
C ARG F 65 0.19 -30.16 -5.57
N ASN F 66 0.92 -30.13 -4.46
CA ASN F 66 0.52 -30.88 -3.27
C ASN F 66 0.88 -30.12 -2.00
N PHE F 67 -0.08 -29.33 -1.50
CA PHE F 67 0.12 -28.61 -0.25
C PHE F 67 -1.20 -28.14 0.35
N GLY F 68 -1.17 -27.90 1.67
CA GLY F 68 -2.28 -27.29 2.35
C GLY F 68 -1.74 -26.07 3.09
N SER F 69 -2.61 -25.16 3.49
CA SER F 69 -2.14 -23.96 4.13
C SER F 69 -3.16 -23.40 5.09
N TYR F 70 -2.69 -22.55 5.99
CA TYR F 70 -3.58 -21.76 6.83
C TYR F 70 -2.89 -20.43 7.08
N VAL F 71 -3.52 -19.34 6.67
CA VAL F 71 -2.86 -18.04 6.59
C VAL F 71 -3.81 -17.00 7.15
N THR F 72 -3.29 -15.79 7.38
CA THR F 72 -4.14 -14.66 7.73
C THR F 72 -3.98 -13.61 6.64
N HIS F 73 -5.09 -13.08 6.14
CA HIS F 73 -4.98 -12.11 5.05
C HIS F 73 -5.88 -10.90 5.30
N GLU F 74 -5.49 -9.76 4.74
CA GLU F 74 -6.34 -8.59 4.80
C GLU F 74 -7.57 -8.86 3.96
N THR F 75 -8.71 -8.33 4.40
CA THR F 75 -9.95 -8.49 3.66
C THR F 75 -9.76 -7.97 2.23
N ARG F 76 -10.39 -8.67 1.28
CA ARG F 76 -10.31 -8.34 -0.14
C ARG F 76 -8.93 -8.54 -0.77
N HIS F 77 -8.04 -9.28 -0.09
CA HIS F 77 -6.68 -9.51 -0.61
C HIS F 77 -6.26 -10.99 -0.51
N PHE F 78 -7.08 -11.88 -1.08
CA PHE F 78 -6.81 -13.32 -1.05
C PHE F 78 -7.37 -13.96 -2.32
N ILE F 79 -6.56 -14.80 -2.97
CA ILE F 79 -7.06 -15.62 -4.07
C ILE F 79 -6.32 -16.96 -4.08
N TYR F 80 -7.06 -18.03 -4.35
CA TYR F 80 -6.49 -19.36 -4.43
C TYR F 80 -7.07 -20.01 -5.67
N PHE F 81 -6.20 -20.31 -6.63
CA PHE F 81 -6.67 -20.76 -7.94
C PHE F 81 -5.73 -21.75 -8.60
N TYR F 82 -6.26 -22.43 -9.61
CA TYR F 82 -5.47 -23.33 -10.43
C TYR F 82 -5.23 -22.75 -11.81
N LEU F 83 -4.03 -22.98 -12.34
CA LEU F 83 -3.78 -22.82 -13.76
C LEU F 83 -3.31 -24.16 -14.23
N GLY F 84 -4.19 -24.89 -14.92
CA GLY F 84 -3.90 -26.27 -15.24
C GLY F 84 -3.83 -27.12 -13.99
N GLN F 85 -2.69 -27.80 -13.81
CA GLN F 85 -2.50 -28.70 -12.67
C GLN F 85 -1.78 -28.02 -11.51
N VAL F 86 -1.48 -26.73 -11.68
CA VAL F 86 -0.71 -25.99 -10.68
C VAL F 86 -1.60 -25.07 -9.84
N ALA F 87 -1.54 -25.20 -8.51
CA ALA F 87 -2.31 -24.34 -7.62
C ALA F 87 -1.48 -23.12 -7.22
N ILE F 88 -2.15 -21.97 -7.15
CA ILE F 88 -1.50 -20.73 -6.76
C ILE F 88 -2.27 -20.06 -5.64
N LEU F 89 -1.56 -19.77 -4.55
CA LEU F 89 -2.14 -19.05 -3.43
C LEU F 89 -1.44 -17.71 -3.36
N LEU F 90 -2.21 -16.62 -3.37
CA LEU F 90 -1.66 -15.27 -3.36
C LEU F 90 -2.47 -14.43 -2.41
N PHE F 91 -1.82 -13.84 -1.41
CA PHE F 91 -2.55 -13.05 -0.42
C PHE F 91 -1.68 -11.96 0.19
N LYS F 92 -2.35 -10.97 0.77
CA LYS F 92 -1.67 -9.86 1.41
C LYS F 92 -1.83 -9.96 2.92
N SER F 93 -0.71 -9.81 3.62
CA SER F 93 -0.67 -9.76 5.07
C SER F 93 0.66 -9.17 5.52
N ASN G 1 16.58 -3.99 9.25
CA ASN G 1 15.75 -4.97 8.55
C ASN G 1 14.84 -5.72 9.53
N TYR G 2 13.62 -5.21 9.71
CA TYR G 2 12.61 -5.92 10.50
C TYR G 2 12.11 -7.11 9.70
N THR G 3 11.95 -6.93 8.40
CA THR G 3 11.50 -8.01 7.52
C THR G 3 12.47 -8.26 6.38
N ILE G 4 12.47 -9.50 5.88
CA ILE G 4 13.24 -9.84 4.69
C ILE G 4 12.42 -10.82 3.86
N CYS G 5 12.79 -10.98 2.58
CA CYS G 5 12.11 -11.95 1.72
C CYS G 5 12.86 -13.28 1.69
N ALA G 6 12.12 -14.36 1.51
CA ALA G 6 12.73 -15.69 1.46
C ALA G 6 11.95 -16.57 0.50
N GLY G 7 12.66 -17.46 -0.20
CA GLY G 7 11.98 -18.43 -1.05
C GLY G 7 12.26 -19.84 -0.59
N THR G 8 11.31 -20.76 -0.84
CA THR G 8 11.53 -22.18 -0.54
C THR G 8 11.09 -23.01 -1.73
N GLN G 9 11.70 -24.17 -1.88
CA GLN G 9 11.30 -25.13 -2.91
C GLN G 9 11.46 -26.57 -2.41
N THR G 10 10.39 -27.37 -2.52
CA THR G 10 10.48 -28.79 -2.18
C THR G 10 11.32 -29.53 -3.20
N ASP G 11 12.06 -30.53 -2.74
CA ASP G 11 12.87 -31.35 -3.65
C ASP G 11 12.13 -32.62 -4.06
N TYR H 2 -9.50 -4.97 8.00
CA TYR H 2 -9.30 -6.02 8.99
C TYR H 2 -8.77 -7.31 8.35
N THR H 3 -8.40 -8.27 9.19
CA THR H 3 -7.81 -9.51 8.68
C THR H 3 -8.69 -10.73 8.93
N ILE H 4 -8.50 -11.76 8.12
CA ILE H 4 -9.31 -12.97 8.12
C ILE H 4 -8.37 -14.18 8.01
N CYS H 5 -8.69 -15.27 8.72
CA CYS H 5 -7.94 -16.50 8.55
C CYS H 5 -8.58 -17.34 7.45
N ALA H 6 -7.74 -18.00 6.64
CA ALA H 6 -8.22 -18.81 5.54
C ALA H 6 -7.34 -20.04 5.36
N GLY H 7 -7.94 -21.14 4.94
CA GLY H 7 -7.17 -22.35 4.66
C GLY H 7 -7.36 -22.81 3.23
N THR H 8 -6.35 -23.49 2.68
CA THR H 8 -6.47 -24.08 1.35
C THR H 8 -5.96 -25.52 1.35
N GLN H 9 -6.42 -26.30 0.38
CA GLN H 9 -5.93 -27.67 0.21
C GLN H 9 -5.93 -27.98 -1.28
N THR H 10 -4.84 -28.53 -1.79
CA THR H 10 -4.76 -28.89 -3.21
C THR H 10 -5.65 -30.08 -3.54
N ASP H 11 -6.10 -30.16 -4.78
CA ASP H 11 -6.90 -31.30 -5.24
C ASP H 11 -6.02 -32.54 -5.26
N PRO H 12 -6.62 -33.73 -5.19
CA PRO H 12 -5.79 -34.93 -5.19
C PRO H 12 -5.03 -35.06 -6.50
#